data_3UFI
#
_entry.id   3UFI
#
_cell.length_a   176.660
_cell.length_b   176.660
_cell.length_c   51.171
_cell.angle_alpha   90.000
_cell.angle_beta   90.000
_cell.angle_gamma   120.000
#
_symmetry.space_group_name_H-M   'P 63'
#
loop_
_entity.id
_entity.type
_entity.pdbx_description
1 polymer 'hypothetical protein BACOVA_04980'
2 non-polymer 'SULFATE ION'
3 non-polymer 'CHLORIDE ION'
4 water water
#
_entity_poly.entity_id   1
_entity_poly.type   'polypeptide(L)'
_entity_poly.pdbx_seq_one_letter_code
;GDEESG(MLY)ADRAY(MLY)PIEIYGNINEVVNNVQETRAVGAAWGSDDRIGVTVEADEDNATANAVDTYINIQYRNET
GGSFRVVNEGSTDNNIRL(MLY)GEGEFTLNAYYPYQGANGTLPGTEGVIA(MLY)TISGADQTTD(MLY)QPQIDFLFA
QATGVRAESPVTFDFSH(MLY)(MSE)T(MLY)IIL(MLY)F(MLY)ATNGATLNN(MSE)(MLY)VYL(MLY)SLQLEG
SFNVTTGEAVA(MLY)SGATPNSELS(MSE)DIA(MLY)PAEGE(MSE)TASIILFPQD(MSE)PE(MLY)VLLEVR
(MSE)NDETYTQY(MSE)PVQNLESGHAYPYNVTFENPA(MSE)TIT(MLY)AEIEDWIVEDD(MLY)DVTASVTE
;
_entity_poly.pdbx_strand_id   A
#
loop_
_chem_comp.id
_chem_comp.type
_chem_comp.name
_chem_comp.formula
CL non-polymer 'CHLORIDE ION' 'Cl -1'
SO4 non-polymer 'SULFATE ION' 'O4 S -2'
#
# COMPACT_ATOMS: atom_id res chain seq x y z
N ARG A 10 -6.59 11.65 38.17
CA ARG A 10 -5.90 10.39 38.39
C ARG A 10 -5.05 9.94 37.15
N ALA A 11 -4.20 8.89 37.33
CA ALA A 11 -3.35 8.33 36.27
C ALA A 11 -4.14 7.32 35.43
N TYR A 12 -4.28 7.62 34.13
CA TYR A 12 -4.99 6.78 33.16
C TYR A 12 -4.02 5.87 32.45
N MLY A 13 -4.38 4.60 32.36
CA MLY A 13 -3.54 3.63 31.69
CB MLY A 13 -4.06 2.22 32.04
CG MLY A 13 -3.67 1.90 33.49
CD MLY A 13 -2.98 0.52 33.51
CE MLY A 13 -2.65 0.06 34.96
NZ MLY A 13 -1.27 -0.51 35.11
CH1 MLY A 13 -1.09 -0.71 36.57
CH2 MLY A 13 -1.23 -1.83 34.42
C MLY A 13 -3.56 3.84 30.17
O MLY A 13 -4.51 4.42 29.61
N PRO A 14 -2.51 3.39 29.46
CA PRO A 14 -2.51 3.55 28.00
C PRO A 14 -3.53 2.68 27.30
N ILE A 15 -3.90 3.06 26.09
CA ILE A 15 -4.69 2.20 25.22
C ILE A 15 -3.71 1.15 24.64
N GLU A 16 -4.23 0.01 24.23
CA GLU A 16 -3.42 -1.05 23.65
C GLU A 16 -3.85 -1.21 22.23
N ILE A 17 -2.91 -1.17 21.31
CA ILE A 17 -3.20 -1.16 19.90
C ILE A 17 -2.79 -2.44 19.18
N TYR A 18 -3.71 -2.88 18.32
CA TYR A 18 -3.57 -3.97 17.40
C TYR A 18 -3.98 -3.52 16.01
N GLY A 19 -3.60 -4.31 15.01
CA GLY A 19 -3.93 -4.01 13.63
C GLY A 19 -4.16 -5.25 12.78
N ASN A 20 -5.23 -5.21 11.98
CA ASN A 20 -5.55 -6.18 10.93
C ASN A 20 -5.31 -5.51 9.61
N ILE A 21 -4.95 -6.27 8.58
CA ILE A 21 -4.86 -5.72 7.21
C ILE A 21 -5.84 -6.49 6.36
N ASN A 22 -6.67 -5.79 5.55
CA ASN A 22 -7.61 -6.49 4.65
C ASN A 22 -6.92 -6.82 3.37
N GLU A 23 -6.76 -8.11 3.12
CA GLU A 23 -6.10 -8.58 1.90
C GLU A 23 -6.40 -10.03 1.63
N VAL A 24 -6.10 -10.45 0.40
CA VAL A 24 -6.29 -11.82 -0.04
C VAL A 24 -5.23 -12.69 0.62
N VAL A 25 -5.69 -13.72 1.30
CA VAL A 25 -4.88 -14.75 1.91
C VAL A 25 -4.85 -15.88 0.86
N ASN A 26 -3.70 -16.08 0.22
CA ASN A 26 -3.54 -17.01 -0.90
C ASN A 26 -3.83 -18.48 -0.50
N ASN A 27 -3.40 -18.90 0.72
CA ASN A 27 -3.62 -20.29 1.16
C ASN A 27 -5.13 -20.64 1.38
N VAL A 28 -6.01 -19.63 1.55
CA VAL A 28 -7.47 -19.87 1.70
C VAL A 28 -8.25 -19.28 0.51
N GLN A 29 -7.60 -18.44 -0.31
CA GLN A 29 -8.16 -17.80 -1.52
C GLN A 29 -9.41 -16.97 -1.19
N GLU A 30 -9.27 -16.11 -0.17
CA GLU A 30 -10.33 -15.26 0.35
C GLU A 30 -9.79 -13.94 0.90
N THR A 31 -10.57 -12.85 0.73
CA THR A 31 -10.24 -11.55 1.29
C THR A 31 -10.62 -11.58 2.78
N ARG A 32 -9.62 -11.40 3.65
CA ARG A 32 -9.80 -11.47 5.09
C ARG A 32 -9.11 -10.33 5.81
N ALA A 33 -9.54 -10.06 7.07
CA ALA A 33 -8.85 -9.16 7.98
C ALA A 33 -7.79 -10.05 8.59
N VAL A 34 -6.52 -9.71 8.42
CA VAL A 34 -5.46 -10.57 8.92
CA VAL A 34 -5.43 -10.57 8.88
C VAL A 34 -4.41 -9.74 9.66
N GLY A 35 -4.08 -10.20 10.85
CA GLY A 35 -3.11 -9.55 11.71
C GLY A 35 -1.77 -10.22 11.73
N ALA A 36 -1.60 -11.31 10.96
CA ALA A 36 -0.35 -12.05 10.99
C ALA A 36 0.50 -11.80 9.73
N ALA A 37 0.20 -10.73 8.97
CA ALA A 37 0.90 -10.32 7.74
C ALA A 37 1.68 -9.00 7.90
N TRP A 38 2.09 -8.63 9.12
CA TRP A 38 2.91 -7.42 9.33
C TRP A 38 4.37 -7.81 9.30
N GLY A 39 5.24 -6.91 8.86
CA GLY A 39 6.68 -7.09 8.95
C GLY A 39 7.07 -6.81 10.38
N SER A 40 8.15 -7.45 10.87
CA SER A 40 8.62 -7.32 12.24
C SER A 40 8.94 -5.88 12.74
N ASP A 41 9.34 -4.97 11.87
CA ASP A 41 9.66 -3.63 12.36
C ASP A 41 8.68 -2.56 11.80
N ASP A 42 7.48 -2.99 11.34
CA ASP A 42 6.49 -2.09 10.72
C ASP A 42 6.03 -1.01 11.70
N ARG A 43 5.93 0.22 11.19
CA ARG A 43 5.60 1.40 11.95
C ARG A 43 4.33 2.04 11.45
N ILE A 44 3.45 2.41 12.41
CA ILE A 44 2.19 3.10 12.09
C ILE A 44 2.14 4.43 12.87
N GLY A 45 1.36 5.37 12.37
CA GLY A 45 1.10 6.64 13.04
C GLY A 45 -0.34 6.63 13.50
N VAL A 46 -0.60 6.91 14.78
CA VAL A 46 -1.94 6.88 15.42
C VAL A 46 -2.33 8.30 15.87
N THR A 47 -3.53 8.74 15.44
CA THR A 47 -4.06 10.05 15.74
C THR A 47 -5.42 9.93 16.44
N VAL A 48 -5.61 10.70 17.53
CA VAL A 48 -6.89 10.85 18.23
C VAL A 48 -7.61 11.97 17.48
N GLU A 49 -8.60 11.58 16.66
CA GLU A 49 -9.36 12.45 15.78
C GLU A 49 -10.39 13.25 16.56
N ALA A 50 -11.26 12.54 17.29
CA ALA A 50 -12.36 13.12 18.05
C ALA A 50 -12.50 12.47 19.40
N ASP A 51 -12.86 13.31 20.37
CA ASP A 51 -13.22 13.05 21.77
C ASP A 51 -14.68 13.46 21.83
N GLU A 52 -15.59 12.49 21.91
CA GLU A 52 -17.03 12.74 21.89
C GLU A 52 -17.54 13.48 23.15
N ASP A 53 -16.81 13.40 24.27
CA ASP A 53 -17.20 14.08 25.50
C ASP A 53 -16.70 15.54 25.54
N ASN A 54 -15.42 15.79 25.18
CA ASN A 54 -14.83 17.14 25.14
C ASN A 54 -14.49 17.51 23.69
N ALA A 55 -15.22 18.50 23.13
CA ALA A 55 -15.05 18.96 21.75
C ALA A 55 -13.70 19.69 21.50
N THR A 56 -13.08 20.27 22.56
CA THR A 56 -11.81 21.01 22.48
C THR A 56 -10.79 20.48 23.54
N ALA A 57 -10.56 19.15 23.55
CA ALA A 57 -9.65 18.49 24.51
C ALA A 57 -8.17 18.52 24.08
N ASN A 58 -7.27 18.20 25.05
CA ASN A 58 -5.81 18.12 24.88
C ASN A 58 -5.40 16.83 24.13
N ALA A 59 -6.21 15.76 24.19
CA ALA A 59 -5.96 14.48 23.49
C ALA A 59 -5.86 14.68 21.98
N VAL A 60 -6.92 15.29 21.38
CA VAL A 60 -7.03 15.60 19.94
C VAL A 60 -5.85 16.53 19.51
N ASP A 61 -5.25 17.29 20.46
CA ASP A 61 -4.13 18.21 20.21
C ASP A 61 -2.74 17.58 20.42
N THR A 62 -2.58 16.64 21.38
CA THR A 62 -1.28 16.02 21.71
C THR A 62 -1.03 14.73 20.91
N TYR A 63 -2.07 13.87 20.84
CA TYR A 63 -1.99 12.55 20.27
C TYR A 63 -2.30 12.57 18.78
N ILE A 64 -1.32 13.12 18.05
CA ILE A 64 -1.34 13.23 16.59
C ILE A 64 -0.10 12.52 16.04
N ASN A 65 -0.27 11.61 15.07
CA ASN A 65 0.86 10.93 14.42
C ASN A 65 1.85 10.34 15.46
N ILE A 66 1.34 9.57 16.41
CA ILE A 66 2.15 8.94 17.44
C ILE A 66 2.67 7.64 16.84
N GLN A 67 3.99 7.43 16.84
CA GLN A 67 4.56 6.23 16.24
C GLN A 67 4.43 5.00 17.16
N TYR A 68 3.95 3.90 16.59
CA TYR A 68 3.82 2.56 17.18
C TYR A 68 4.58 1.59 16.28
N ARG A 69 5.20 0.57 16.88
CA ARG A 69 5.96 -0.43 16.14
C ARG A 69 5.28 -1.79 16.31
N ASN A 70 5.29 -2.62 15.26
CA ASN A 70 4.76 -3.98 15.36
C ASN A 70 5.69 -4.81 16.25
N GLU A 71 5.18 -5.33 17.37
CA GLU A 71 5.92 -6.15 18.31
C GLU A 71 5.97 -7.58 17.76
N THR A 72 4.79 -8.21 17.64
CA THR A 72 4.62 -9.56 17.07
C THR A 72 3.14 -9.73 16.71
N GLY A 73 2.89 -10.32 15.55
CA GLY A 73 1.54 -10.53 15.06
C GLY A 73 0.97 -9.20 14.69
N GLY A 74 -0.24 -8.90 15.12
CA GLY A 74 -0.80 -7.57 14.85
C GLY A 74 -0.76 -6.67 16.07
N SER A 75 0.06 -7.03 17.05
CA SER A 75 0.21 -6.31 18.30
C SER A 75 1.26 -5.19 18.17
N PHE A 76 0.87 -3.95 18.48
CA PHE A 76 1.76 -2.79 18.37
C PHE A 76 2.13 -2.24 19.72
N ARG A 77 3.35 -1.72 19.82
CA ARG A 77 3.83 -1.07 21.05
C ARG A 77 4.32 0.29 20.70
N VAL A 78 4.03 1.29 21.53
CA VAL A 78 4.48 2.65 21.24
C VAL A 78 6.02 2.71 21.12
N VAL A 79 6.51 3.58 20.24
CA VAL A 79 7.97 3.76 20.10
C VAL A 79 8.42 4.77 21.14
N ASN A 80 9.36 4.33 21.97
CA ASN A 80 10.00 5.14 23.01
C ASN A 80 11.51 5.11 22.84
N GLU A 81 12.07 6.16 22.28
CA GLU A 81 13.54 6.28 22.16
C GLU A 81 13.97 7.14 23.31
N GLY A 82 14.96 6.66 24.05
CA GLY A 82 15.44 7.36 25.23
C GLY A 82 14.46 7.16 26.37
N SER A 83 14.48 8.08 27.34
CA SER A 83 13.63 7.99 28.54
C SER A 83 12.26 8.67 28.31
N THR A 84 11.53 8.24 27.30
CA THR A 84 10.21 8.82 27.04
C THR A 84 9.13 7.79 27.30
N ASP A 85 7.90 8.27 27.42
CA ASP A 85 6.69 7.45 27.48
C ASP A 85 5.69 8.11 26.57
N ASN A 86 5.65 7.64 25.31
CA ASN A 86 4.84 8.22 24.26
C ASN A 86 3.45 7.61 24.13
N ASN A 87 3.07 6.73 25.06
CA ASN A 87 1.76 6.07 25.05
C ASN A 87 0.60 7.06 25.03
N ILE A 88 -0.47 6.69 24.31
CA ILE A 88 -1.70 7.46 24.23
C ILE A 88 -2.52 7.08 25.45
N ARG A 89 -2.76 8.06 26.34
CA ARG A 89 -3.55 7.84 27.53
C ARG A 89 -4.83 8.65 27.44
N LEU A 90 -5.89 8.01 26.92
CA LEU A 90 -7.22 8.62 26.83
C LEU A 90 -7.84 8.65 28.21
N MLY A 91 -8.66 9.67 28.48
CA MLY A 91 -9.30 9.85 29.79
CB MLY A 91 -8.82 11.12 30.51
CG MLY A 91 -7.31 11.33 30.42
CD MLY A 91 -6.81 12.38 31.39
CE MLY A 91 -5.77 13.27 30.72
NZ MLY A 91 -5.01 14.12 31.73
CH1 MLY A 91 -3.98 14.93 30.98
CH2 MLY A 91 -5.94 15.06 32.41
C MLY A 91 -10.81 9.90 29.67
O MLY A 91 -11.36 10.30 28.63
N GLY A 92 -11.47 9.51 30.75
CA GLY A 92 -12.93 9.52 30.83
C GLY A 92 -13.56 8.24 30.35
N GLU A 93 -14.89 8.22 30.35
CA GLU A 93 -15.71 7.06 30.01
C GLU A 93 -16.45 7.26 28.68
N GLY A 94 -16.09 8.30 27.94
CA GLY A 94 -16.68 8.56 26.65
C GLY A 94 -16.01 7.80 25.52
N GLU A 95 -16.50 8.03 24.30
CA GLU A 95 -16.00 7.40 23.07
C GLU A 95 -15.05 8.33 22.34
N PHE A 96 -14.15 7.74 21.55
CA PHE A 96 -13.17 8.45 20.74
C PHE A 96 -13.14 7.87 19.36
N THR A 97 -12.72 8.68 18.40
CA THR A 97 -12.46 8.29 17.04
C THR A 97 -10.95 8.39 16.86
N LEU A 98 -10.34 7.32 16.37
CA LEU A 98 -8.89 7.28 16.12
C LEU A 98 -8.62 6.86 14.72
N ASN A 99 -7.59 7.42 14.11
CA ASN A 99 -7.14 7.10 12.74
CA ASN A 99 -7.24 6.92 12.78
C ASN A 99 -5.76 6.53 12.80
N ALA A 100 -5.38 5.69 11.86
CA ALA A 100 -4.02 5.18 11.83
C ALA A 100 -3.60 4.96 10.39
N TYR A 101 -2.29 5.02 10.13
CA TYR A 101 -1.79 4.80 8.78
C TYR A 101 -0.44 4.13 8.83
N TYR A 102 -0.06 3.51 7.73
CA TYR A 102 1.23 2.87 7.52
C TYR A 102 1.73 3.31 6.14
N PRO A 103 3.05 3.46 5.84
CA PRO A 103 4.19 3.43 6.78
C PRO A 103 4.35 4.76 7.49
N TYR A 104 4.65 4.70 8.80
CA TYR A 104 4.87 5.92 9.58
C TYR A 104 5.94 6.82 8.98
N GLN A 105 5.73 8.12 9.09
CA GLN A 105 6.76 9.12 8.83
C GLN A 105 6.44 10.33 9.69
N GLY A 106 7.43 11.19 9.89
CA GLY A 106 7.20 12.41 10.60
C GLY A 106 7.54 12.39 12.05
N ALA A 107 6.96 13.34 12.78
CA ALA A 107 7.25 13.58 14.19
C ALA A 107 5.98 13.41 15.04
N ASN A 108 6.13 13.07 16.33
CA ASN A 108 4.97 12.89 17.21
C ASN A 108 4.34 14.26 17.50
N GLY A 109 3.02 14.31 17.49
CA GLY A 109 2.27 15.54 17.79
C GLY A 109 1.98 16.41 16.58
N THR A 110 2.45 16.00 15.40
CA THR A 110 2.26 16.75 14.14
C THR A 110 1.94 15.84 12.98
N LEU A 111 1.01 16.27 12.10
CA LEU A 111 0.67 15.48 10.92
C LEU A 111 1.83 15.50 9.91
N PRO A 112 2.17 14.34 9.28
CA PRO A 112 3.30 14.32 8.32
C PRO A 112 2.97 15.06 7.03
N GLY A 113 3.97 15.24 6.16
CA GLY A 113 3.79 15.92 4.88
C GLY A 113 3.24 17.33 5.02
N THR A 114 2.29 17.71 4.13
CA THR A 114 1.69 19.05 4.18
C THR A 114 0.31 18.87 4.78
N GLU A 115 0.19 19.13 6.10
CA GLU A 115 -1.06 19.01 6.87
C GLU A 115 -1.70 17.61 6.71
N GLY A 116 -0.88 16.56 6.77
CA GLY A 116 -1.35 15.19 6.65
C GLY A 116 -1.31 14.61 5.25
N VAL A 117 -0.99 15.41 4.25
CA VAL A 117 -0.92 14.97 2.86
C VAL A 117 0.55 14.68 2.50
N ILE A 118 0.86 13.39 2.30
CA ILE A 118 2.18 12.89 1.94
C ILE A 118 2.28 12.82 0.41
N ALA A 119 3.21 13.58 -0.16
CA ALA A 119 3.43 13.58 -1.61
C ALA A 119 4.50 12.57 -1.98
N MLY A 120 4.33 11.91 -3.14
CA MLY A 120 5.33 10.94 -3.58
CB MLY A 120 4.98 9.69 -2.77
CG MLY A 120 5.81 8.50 -3.18
CD MLY A 120 7.01 8.27 -2.26
CE MLY A 120 8.05 7.45 -3.11
NZ MLY A 120 9.32 7.34 -2.32
CH1 MLY A 120 9.21 6.25 -1.29
CH2 MLY A 120 10.49 7.18 -3.23
C MLY A 120 5.27 10.71 -5.08
O MLY A 120 4.19 10.76 -5.68
N THR A 121 6.44 10.53 -5.70
CA THR A 121 6.59 10.20 -7.12
C THR A 121 7.07 8.77 -7.16
N ILE A 122 6.22 7.86 -7.68
CA ILE A 122 6.52 6.43 -7.78
C ILE A 122 7.49 6.18 -8.95
N SER A 123 8.47 5.30 -8.74
CA SER A 123 9.41 4.85 -9.79
C SER A 123 9.46 3.33 -9.73
N GLY A 124 10.16 2.70 -10.68
CA GLY A 124 10.32 1.25 -10.73
C GLY A 124 11.23 0.76 -9.62
N ALA A 125 12.14 1.64 -9.16
CA ALA A 125 13.06 1.37 -8.05
C ALA A 125 12.27 1.16 -6.74
N ASP A 126 11.05 1.72 -6.66
CA ASP A 126 10.15 1.55 -5.50
C ASP A 126 9.47 0.19 -5.50
N GLN A 127 9.61 -0.61 -6.57
CA GLN A 127 8.86 -1.84 -6.74
C GLN A 127 9.63 -3.09 -6.35
N THR A 128 10.79 -2.94 -5.72
CA THR A 128 11.56 -4.09 -5.24
C THR A 128 10.95 -4.63 -3.96
N THR A 129 11.37 -5.84 -3.54
CA THR A 129 10.92 -6.49 -2.30
C THR A 129 11.14 -5.58 -1.11
N ASP A 130 12.33 -4.96 -1.03
CA ASP A 130 12.73 -4.07 0.05
CA ASP A 130 12.67 -4.11 0.10
C ASP A 130 11.99 -2.74 0.03
N MLY A 131 11.74 -2.17 -1.16
CA MLY A 131 11.13 -0.85 -1.22
CB MLY A 131 11.78 -0.05 -2.36
CG MLY A 131 13.26 0.15 -2.03
CD MLY A 131 13.48 1.62 -1.78
CE MLY A 131 14.47 2.15 -2.79
NZ MLY A 131 14.43 3.64 -2.95
CH1 MLY A 131 15.84 4.05 -3.18
CH2 MLY A 131 13.67 3.99 -4.21
C MLY A 131 9.64 -0.74 -1.44
O MLY A 131 9.08 0.31 -1.11
N GLN A 132 8.98 -1.76 -2.02
CA GLN A 132 7.54 -1.73 -2.28
C GLN A 132 6.71 -1.55 -0.99
N PRO A 133 7.10 -2.07 0.21
CA PRO A 133 6.31 -1.77 1.42
C PRO A 133 6.29 -0.28 1.83
N GLN A 134 7.27 0.54 1.37
CA GLN A 134 7.31 1.97 1.73
C GLN A 134 6.32 2.82 0.90
N ILE A 135 5.73 2.26 -0.15
CA ILE A 135 4.72 2.99 -0.92
C ILE A 135 3.35 2.29 -0.78
N ASP A 136 3.28 1.22 0.03
CA ASP A 136 2.04 0.48 0.25
C ASP A 136 1.27 1.10 1.41
N PHE A 137 0.67 2.27 1.15
CA PHE A 137 -0.04 3.07 2.13
C PHE A 137 -1.33 2.40 2.59
N LEU A 138 -1.45 2.29 3.93
CA LEU A 138 -2.59 1.69 4.61
C LEU A 138 -3.27 2.72 5.44
N PHE A 139 -4.60 2.63 5.60
CA PHE A 139 -5.32 3.55 6.46
C PHE A 139 -6.37 2.80 7.25
N ALA A 140 -6.65 3.26 8.48
CA ALA A 140 -7.70 2.69 9.33
C ALA A 140 -8.36 3.79 10.13
N GLN A 141 -9.62 3.65 10.42
CA GLN A 141 -10.32 4.55 11.31
C GLN A 141 -11.17 3.69 12.25
N ALA A 142 -10.98 3.89 13.55
CA ALA A 142 -11.73 3.18 14.59
C ALA A 142 -12.64 4.15 15.34
N THR A 143 -13.93 3.84 15.40
CA THR A 143 -14.92 4.65 16.12
C THR A 143 -15.31 3.88 17.40
N GLY A 144 -15.85 4.58 18.40
CA GLY A 144 -16.27 3.98 19.65
C GLY A 144 -15.12 3.46 20.49
N VAL A 145 -13.93 4.06 20.33
CA VAL A 145 -12.72 3.70 21.08
C VAL A 145 -12.91 4.19 22.50
N ARG A 146 -12.52 3.34 23.47
CA ARG A 146 -12.64 3.65 24.88
CA ARG A 146 -12.65 3.64 24.88
C ARG A 146 -11.28 3.81 25.53
N ALA A 147 -11.22 4.60 26.59
CA ALA A 147 -9.98 4.84 27.34
C ALA A 147 -9.53 3.55 28.02
N GLU A 148 -8.19 3.36 28.19
CA GLU A 148 -7.57 2.23 28.92
C GLU A 148 -8.06 0.86 28.41
N SER A 149 -8.31 0.77 27.11
CA SER A 149 -8.83 -0.44 26.51
C SER A 149 -8.01 -0.84 25.30
N PRO A 150 -8.11 -2.13 24.88
CA PRO A 150 -7.49 -2.51 23.61
C PRO A 150 -8.33 -2.00 22.42
N VAL A 151 -7.69 -1.59 21.37
CA VAL A 151 -8.37 -1.18 20.14
C VAL A 151 -7.66 -1.87 18.98
N THR A 152 -8.43 -2.43 18.05
CA THR A 152 -7.89 -3.03 16.83
C THR A 152 -8.26 -2.20 15.63
N PHE A 153 -7.26 -1.68 14.91
CA PHE A 153 -7.52 -0.97 13.67
C PHE A 153 -7.67 -1.96 12.53
N ASP A 154 -8.64 -1.72 11.63
CA ASP A 154 -8.80 -2.52 10.42
CA ASP A 154 -8.79 -2.53 10.44
C ASP A 154 -8.27 -1.72 9.24
N PHE A 155 -7.02 -1.98 8.87
CA PHE A 155 -6.34 -1.26 7.77
C PHE A 155 -6.72 -1.79 6.41
N SER A 156 -6.82 -0.90 5.45
CA SER A 156 -7.04 -1.25 4.03
C SER A 156 -5.91 -0.70 3.22
N HIS A 157 -5.50 -1.42 2.15
CA HIS A 157 -4.55 -0.92 1.18
C HIS A 157 -5.21 0.24 0.37
N MLY A 158 -4.68 1.46 0.45
CA MLY A 158 -5.30 2.59 -0.24
CB MLY A 158 -5.10 3.85 0.60
CG MLY A 158 -5.94 3.76 1.90
CD MLY A 158 -7.38 3.53 1.44
CE MLY A 158 -8.26 3.80 2.57
NZ MLY A 158 -9.61 4.07 2.06
CH1 MLY A 158 -10.26 2.74 1.81
CH2 MLY A 158 -10.30 4.85 3.16
C MLY A 158 -4.72 2.82 -1.62
O MLY A 158 -5.23 3.63 -2.38
N MSE A 159 -3.65 2.11 -1.97
CA MSE A 159 -3.04 2.31 -3.28
C MSE A 159 -3.72 1.38 -4.26
O MSE A 159 -4.65 0.66 -3.89
CB MSE A 159 -1.52 2.06 -3.22
CG MSE A 159 -0.82 3.01 -2.25
SE MSE A 159 -0.76 4.79 -2.97
CE MSE A 159 0.89 4.60 -3.99
N THR A 160 -3.27 1.41 -5.50
CA THR A 160 -3.77 0.50 -6.52
C THR A 160 -2.59 -0.34 -7.00
N MLY A 161 -2.88 -1.44 -7.69
CA MLY A 161 -1.79 -2.28 -8.15
CB MLY A 161 -1.68 -3.44 -7.13
CG MLY A 161 -0.51 -4.37 -7.44
CD MLY A 161 -0.61 -5.58 -6.49
CE MLY A 161 0.56 -5.50 -5.55
NZ MLY A 161 0.60 -6.65 -4.65
CH1 MLY A 161 1.26 -7.78 -5.41
CH2 MLY A 161 1.56 -6.20 -3.63
C MLY A 161 -2.05 -2.85 -9.51
O MLY A 161 -3.16 -3.30 -9.81
N ILE A 162 -1.00 -2.88 -10.33
CA ILE A 162 -0.98 -3.52 -11.65
C ILE A 162 -0.14 -4.79 -11.48
N ILE A 163 -0.65 -5.94 -11.95
CA ILE A 163 0.12 -7.19 -11.92
C ILE A 163 0.34 -7.63 -13.36
N LEU A 164 1.58 -7.78 -13.74
CA LEU A 164 1.91 -8.27 -15.08
C LEU A 164 2.27 -9.75 -14.95
N MLY A 165 1.46 -10.63 -15.55
CA MLY A 165 1.69 -12.08 -15.52
CB MLY A 165 0.43 -12.89 -15.18
CG MLY A 165 -0.36 -12.19 -14.10
CD MLY A 165 -1.37 -13.00 -13.28
CE MLY A 165 -2.01 -14.20 -13.99
NZ MLY A 165 -2.26 -15.30 -12.95
C MLY A 165 2.28 -12.51 -16.86
O MLY A 165 1.58 -12.48 -17.87
N PHE A 166 3.56 -12.90 -16.86
CA PHE A 166 4.28 -13.27 -18.10
C PHE A 166 4.20 -14.75 -18.38
N MLY A 167 4.02 -15.07 -19.65
CA MLY A 167 3.92 -16.41 -20.16
CB MLY A 167 2.44 -16.71 -20.24
CG MLY A 167 1.87 -17.87 -19.46
CD MLY A 167 1.08 -18.76 -20.47
C MLY A 167 4.50 -16.48 -21.55
O MLY A 167 4.45 -15.50 -22.29
N ALA A 168 5.06 -17.63 -21.89
CA ALA A 168 5.61 -17.89 -23.21
C ALA A 168 4.96 -19.13 -23.76
N THR A 169 4.43 -19.05 -24.98
CA THR A 169 3.78 -20.18 -25.67
C THR A 169 4.34 -20.34 -27.07
N ASN A 170 3.89 -21.42 -27.77
CA ASN A 170 4.20 -21.76 -29.18
CA ASN A 170 4.18 -21.73 -29.19
C ASN A 170 5.70 -21.73 -29.50
N GLY A 171 6.51 -22.14 -28.54
CA GLY A 171 7.96 -22.19 -28.73
C GLY A 171 8.76 -21.01 -28.21
N ALA A 172 8.10 -19.92 -27.81
CA ALA A 172 8.80 -18.76 -27.24
C ALA A 172 9.34 -19.14 -25.86
N THR A 173 10.34 -18.40 -25.38
CA THR A 173 10.99 -18.65 -24.11
C THR A 173 11.05 -17.37 -23.29
N LEU A 174 10.78 -17.47 -21.98
CA LEU A 174 10.92 -16.36 -21.06
C LEU A 174 12.39 -16.25 -20.62
N ASN A 175 12.89 -15.03 -20.55
CA ASN A 175 14.23 -14.72 -20.04
C ASN A 175 14.14 -13.47 -19.17
N ASN A 176 15.23 -13.09 -18.51
CA ASN A 176 15.31 -11.85 -17.74
C ASN A 176 14.85 -10.67 -18.62
N MSE A 177 14.10 -9.76 -18.04
CA MSE A 177 13.51 -8.62 -18.74
C MSE A 177 13.87 -7.30 -18.15
O MSE A 177 14.10 -7.20 -16.96
CB MSE A 177 12.00 -8.66 -18.55
CG MSE A 177 11.30 -9.63 -19.36
SE MSE A 177 9.47 -9.59 -18.70
CE MSE A 177 9.12 -11.36 -19.37
N MLY A 178 13.67 -6.29 -18.96
CA MLY A 178 13.67 -4.90 -18.57
CB MLY A 178 14.91 -4.17 -19.02
CG MLY A 178 14.53 -2.74 -18.82
CD MLY A 178 14.95 -2.34 -17.46
CE MLY A 178 16.12 -1.39 -17.74
NZ MLY A 178 16.01 -0.21 -16.85
CH1 MLY A 178 16.33 -0.64 -15.45
CH2 MLY A 178 17.00 0.79 -17.36
C MLY A 178 12.27 -4.46 -19.09
O MLY A 178 12.01 -4.58 -20.30
N VAL A 179 11.37 -4.07 -18.20
CA VAL A 179 10.00 -3.72 -18.51
C VAL A 179 9.79 -2.22 -18.34
N TYR A 180 9.11 -1.59 -19.32
CA TYR A 180 8.78 -0.18 -19.34
C TYR A 180 7.30 0.03 -19.46
N LEU A 181 6.73 0.90 -18.61
CA LEU A 181 5.35 1.35 -18.70
C LEU A 181 5.36 2.86 -18.90
N MLY A 182 4.81 3.31 -20.05
CA MLY A 182 4.81 4.73 -20.35
CB MLY A 182 5.31 4.96 -21.79
CG MLY A 182 6.77 4.43 -21.78
CD MLY A 182 7.51 4.74 -23.08
CE MLY A 182 8.97 4.24 -22.97
NZ MLY A 182 9.60 3.74 -24.25
CH1 MLY A 182 9.34 4.68 -25.41
CH2 MLY A 182 11.11 3.61 -23.95
C MLY A 182 3.44 5.38 -20.20
O MLY A 182 2.42 4.71 -20.38
N SER A 183 3.43 6.70 -19.82
CA SER A 183 2.27 7.60 -19.75
C SER A 183 1.39 7.45 -18.50
N LEU A 184 1.81 6.67 -17.50
CA LEU A 184 1.02 6.59 -16.27
C LEU A 184 1.29 7.83 -15.41
N GLN A 185 0.33 8.22 -14.55
CA GLN A 185 0.59 9.33 -13.65
C GLN A 185 1.35 8.76 -12.44
N LEU A 186 2.65 9.05 -12.34
CA LEU A 186 3.53 8.49 -11.33
C LEU A 186 3.54 9.28 -10.03
N GLU A 187 3.13 10.53 -10.08
CA GLU A 187 3.07 11.36 -8.89
C GLU A 187 1.66 11.33 -8.28
N GLY A 188 1.61 11.41 -6.97
CA GLY A 188 0.35 11.45 -6.24
C GLY A 188 0.54 11.78 -4.78
N SER A 189 -0.53 11.59 -4.01
CA SER A 189 -0.49 11.90 -2.59
C SER A 189 -1.38 10.98 -1.79
N PHE A 190 -1.02 10.80 -0.50
CA PHE A 190 -1.78 10.02 0.44
C PHE A 190 -2.12 10.92 1.61
N ASN A 191 -3.40 10.98 1.95
CA ASN A 191 -3.90 11.81 3.03
C ASN A 191 -4.10 10.91 4.27
N VAL A 192 -3.32 11.16 5.35
CA VAL A 192 -3.38 10.29 6.55
C VAL A 192 -4.62 10.58 7.42
N THR A 193 -5.30 11.69 7.16
CA THR A 193 -6.50 12.09 7.88
C THR A 193 -7.72 11.39 7.31
N THR A 194 -7.82 11.27 5.97
CA THR A 194 -8.98 10.69 5.29
C THR A 194 -8.67 9.32 4.68
N GLY A 195 -7.39 8.99 4.50
CA GLY A 195 -7.02 7.75 3.86
C GLY A 195 -7.09 7.81 2.35
N GLU A 196 -7.41 8.98 1.77
CA GLU A 196 -7.46 9.12 0.33
C GLU A 196 -6.05 9.12 -0.30
N ALA A 197 -5.81 8.12 -1.17
CA ALA A 197 -4.61 8.01 -2.01
C ALA A 197 -5.06 8.31 -3.44
N VAL A 198 -4.48 9.31 -4.08
CA VAL A 198 -4.90 9.68 -5.43
C VAL A 198 -3.73 10.25 -6.25
N ALA A 199 -3.64 9.85 -7.53
CA ALA A 199 -2.64 10.38 -8.46
C ALA A 199 -2.90 11.86 -8.73
N MLY A 200 -1.85 12.63 -9.02
CA MLY A 200 -1.97 14.04 -9.33
CB MLY A 200 -0.50 14.50 -9.46
CG MLY A 200 -0.43 16.00 -9.68
CD MLY A 200 0.97 16.48 -10.13
CE MLY A 200 1.14 18.03 -9.96
NZ MLY A 200 2.07 18.33 -8.80
CH1 MLY A 200 3.00 19.40 -9.26
CH2 MLY A 200 1.32 18.82 -7.60
C MLY A 200 -2.80 14.23 -10.63
O MLY A 200 -2.77 13.39 -11.51
N SER A 201 -3.57 15.32 -10.71
CA SER A 201 -4.35 15.64 -11.90
C SER A 201 -3.42 16.07 -13.04
N GLY A 202 -3.87 15.87 -14.26
CA GLY A 202 -3.10 16.24 -15.44
C GLY A 202 -2.33 15.07 -16.02
N ALA A 203 -2.34 14.99 -17.33
CA ALA A 203 -1.67 13.96 -18.10
C ALA A 203 -0.17 14.17 -18.12
N THR A 204 0.59 13.05 -18.07
CA THR A 204 2.05 13.02 -18.19
C THR A 204 2.37 11.96 -19.26
N PRO A 205 2.09 12.22 -20.57
CA PRO A 205 2.31 11.17 -21.59
C PRO A 205 3.75 10.67 -21.72
N ASN A 206 4.74 11.47 -21.34
CA ASN A 206 6.15 11.11 -21.47
C ASN A 206 6.73 10.50 -20.20
N SER A 207 5.88 10.16 -19.21
CA SER A 207 6.36 9.51 -17.97
C SER A 207 6.84 8.08 -18.31
N GLU A 208 7.77 7.56 -17.52
CA GLU A 208 8.29 6.23 -17.75
C GLU A 208 8.64 5.56 -16.45
N LEU A 209 8.12 4.36 -16.23
CA LEU A 209 8.47 3.52 -15.08
C LEU A 209 9.16 2.29 -15.67
N SER A 210 10.31 1.91 -15.12
CA SER A 210 11.04 0.74 -15.64
C SER A 210 11.53 -0.14 -14.52
N MSE A 211 11.57 -1.45 -14.78
CA MSE A 211 12.00 -2.43 -13.78
C MSE A 211 12.73 -3.57 -14.44
O MSE A 211 12.32 -4.02 -15.49
CB MSE A 211 10.79 -3.07 -13.04
CG MSE A 211 9.85 -2.14 -12.32
SE MSE A 211 8.25 -3.13 -11.80
CE MSE A 211 7.50 -3.45 -13.63
N ASP A 212 13.71 -4.13 -13.73
CA ASP A 212 14.37 -5.36 -14.16
C ASP A 212 13.61 -6.53 -13.55
N ILE A 213 13.16 -7.49 -14.36
CA ILE A 213 12.42 -8.67 -13.87
CA ILE A 213 12.45 -8.67 -13.84
C ILE A 213 13.26 -9.89 -14.20
N ALA A 214 13.69 -10.62 -13.18
CA ALA A 214 14.49 -11.81 -13.36
C ALA A 214 13.60 -13.01 -13.64
N MLY A 215 14.03 -13.89 -14.55
CA MLY A 215 13.33 -15.14 -14.80
CB MLY A 215 13.95 -15.80 -16.02
CG MLY A 215 13.07 -16.96 -16.47
CD MLY A 215 14.02 -18.13 -16.68
CE MLY A 215 13.79 -18.98 -17.92
NZ MLY A 215 15.16 -19.33 -18.42
CH1 MLY A 215 15.62 -20.56 -17.72
CH2 MLY A 215 15.24 -19.47 -19.91
C MLY A 215 13.46 -15.99 -13.52
O MLY A 215 14.58 -16.20 -13.07
N PRO A 216 12.35 -16.38 -12.86
CA PRO A 216 12.48 -17.16 -11.61
C PRO A 216 12.97 -18.59 -11.86
N ALA A 217 13.59 -19.20 -10.84
CA ALA A 217 14.08 -20.59 -10.91
C ALA A 217 12.87 -21.55 -10.97
N GLU A 218 11.83 -21.22 -10.19
CA GLU A 218 10.59 -21.98 -10.11
C GLU A 218 9.38 -21.06 -10.12
N GLY A 219 8.28 -21.57 -10.66
CA GLY A 219 7.00 -20.88 -10.65
C GLY A 219 6.75 -19.89 -11.76
N GLU A 220 5.71 -19.05 -11.55
CA GLU A 220 5.25 -18.03 -12.48
CA GLU A 220 5.28 -18.06 -12.53
C GLU A 220 6.17 -16.80 -12.47
N MSE A 221 6.34 -16.17 -13.63
CA MSE A 221 7.12 -14.94 -13.75
C MSE A 221 6.13 -13.79 -13.74
O MSE A 221 5.28 -13.71 -14.63
CB MSE A 221 7.97 -14.95 -15.01
CG MSE A 221 8.87 -13.72 -15.12
SE MSE A 221 10.03 -13.97 -16.62
CE MSE A 221 11.17 -12.39 -16.38
N THR A 222 6.15 -12.97 -12.71
CA THR A 222 5.24 -11.83 -12.60
C THR A 222 5.96 -10.56 -12.18
N ALA A 223 5.31 -9.43 -12.38
CA ALA A 223 5.78 -8.12 -11.94
C ALA A 223 4.60 -7.39 -11.31
N SER A 224 4.77 -6.84 -10.11
CA SER A 224 3.67 -6.08 -9.52
C SER A 224 4.10 -4.64 -9.37
N ILE A 225 3.22 -3.71 -9.70
CA ILE A 225 3.50 -2.29 -9.61
C ILE A 225 2.46 -1.63 -8.72
N ILE A 226 2.90 -1.08 -7.59
CA ILE A 226 2.01 -0.29 -6.73
C ILE A 226 2.05 1.16 -7.25
N LEU A 227 0.88 1.75 -7.49
CA LEU A 227 0.71 3.10 -8.02
C LEU A 227 -0.32 3.86 -7.25
N PHE A 228 -0.41 5.18 -7.47
CA PHE A 228 -1.49 5.93 -6.92
C PHE A 228 -2.75 5.65 -7.74
N PRO A 229 -3.91 5.48 -7.08
CA PRO A 229 -5.16 5.23 -7.83
C PRO A 229 -5.40 6.30 -8.90
N GLN A 230 -5.83 5.87 -10.09
CA GLN A 230 -6.01 6.75 -11.24
C GLN A 230 -6.78 6.09 -12.36
N ASP A 231 -7.40 6.91 -13.19
CA ASP A 231 -8.01 6.41 -14.41
C ASP A 231 -6.88 6.41 -15.44
N MSE A 232 -6.48 5.23 -15.93
CA MSE A 232 -5.37 5.16 -16.89
C MSE A 232 -5.66 6.01 -18.13
O MSE A 232 -6.83 6.05 -18.53
CB MSE A 232 -5.08 3.72 -17.33
CG MSE A 232 -4.39 2.88 -16.27
SE MSE A 232 -4.54 0.99 -16.73
CE MSE A 232 -3.01 0.83 -17.94
N PRO A 233 -4.67 6.71 -18.75
CA PRO A 233 -4.96 7.45 -20.00
C PRO A 233 -5.23 6.44 -21.14
N GLU A 234 -5.74 6.88 -22.30
CA GLU A 234 -6.10 5.97 -23.39
C GLU A 234 -4.93 5.19 -23.95
N MLY A 235 -3.73 5.78 -23.97
CA MLY A 235 -2.58 5.10 -24.53
CB MLY A 235 -2.03 5.93 -25.73
CG MLY A 235 -2.95 5.97 -26.98
CD MLY A 235 -3.56 4.60 -27.39
CE MLY A 235 -2.88 3.95 -28.62
NZ MLY A 235 -2.47 4.88 -29.68
CH1 MLY A 235 -1.71 4.08 -30.63
CH2 MLY A 235 -3.63 5.33 -30.47
C MLY A 235 -1.50 4.90 -23.48
O MLY A 235 -0.87 5.88 -23.06
N VAL A 236 -1.30 3.64 -23.06
CA VAL A 236 -0.26 3.23 -22.10
C VAL A 236 0.56 2.17 -22.80
N LEU A 237 1.80 2.49 -23.12
CA LEU A 237 2.67 1.55 -23.81
C LEU A 237 3.43 0.65 -22.82
N LEU A 238 3.44 -0.65 -23.14
CA LEU A 238 4.25 -1.64 -22.47
C LEU A 238 5.39 -2.00 -23.41
N GLU A 239 6.62 -1.79 -22.96
CA GLU A 239 7.82 -2.12 -23.70
C GLU A 239 8.62 -3.13 -22.87
N VAL A 240 9.03 -4.22 -23.52
CA VAL A 240 9.79 -5.25 -22.85
C VAL A 240 11.07 -5.52 -23.63
N ARG A 241 12.22 -5.40 -22.95
CA ARG A 241 13.53 -5.71 -23.50
C ARG A 241 13.91 -7.09 -22.92
N MSE A 242 13.93 -8.11 -23.78
CA MSE A 242 14.19 -9.47 -23.32
C MSE A 242 15.06 -10.21 -24.31
O MSE A 242 14.73 -10.27 -25.50
CB MSE A 242 12.85 -10.21 -23.15
CG MSE A 242 12.97 -11.58 -22.51
SE MSE A 242 11.21 -12.44 -22.28
CE MSE A 242 10.79 -12.86 -24.15
N ASN A 243 16.17 -10.82 -23.82
CA ASN A 243 17.09 -11.62 -24.63
C ASN A 243 17.50 -10.91 -25.94
N ASP A 244 17.84 -9.60 -25.81
CA ASP A 244 18.34 -8.70 -26.86
C ASP A 244 17.28 -8.32 -27.89
N GLU A 245 15.99 -8.43 -27.53
CA GLU A 245 14.88 -8.05 -28.42
C GLU A 245 13.98 -7.07 -27.69
N THR A 246 13.30 -6.20 -28.45
CA THR A 246 12.37 -5.23 -27.89
C THR A 246 10.97 -5.53 -28.41
N TYR A 247 10.03 -5.72 -27.49
CA TYR A 247 8.61 -5.95 -27.73
C TYR A 247 7.85 -4.75 -27.24
N THR A 248 6.94 -4.22 -28.05
CA THR A 248 6.09 -3.09 -27.64
C THR A 248 4.65 -3.39 -27.95
N GLN A 249 3.76 -3.10 -27.01
CA GLN A 249 2.33 -3.23 -27.21
C GLN A 249 1.62 -2.28 -26.26
N TYR A 250 0.54 -1.67 -26.73
CA TYR A 250 -0.28 -0.80 -25.92
C TYR A 250 -1.22 -1.65 -25.06
N MSE A 251 -1.43 -1.22 -23.83
CA MSE A 251 -2.28 -1.91 -22.86
C MSE A 251 -3.75 -1.64 -23.04
O MSE A 251 -4.11 -0.48 -23.30
CB MSE A 251 -1.95 -1.44 -21.41
CG MSE A 251 -0.47 -1.36 -21.08
SE MSE A 251 0.03 -2.63 -19.74
CE MSE A 251 -0.64 -1.84 -18.17
N PRO A 252 -4.65 -2.64 -22.75
CA PRO A 252 -6.08 -2.35 -22.60
C PRO A 252 -6.24 -1.55 -21.29
N VAL A 253 -6.66 -0.29 -21.37
CA VAL A 253 -6.67 0.56 -20.18
C VAL A 253 -7.96 0.47 -19.37
N GLN A 254 -7.87 0.82 -18.09
CA GLN A 254 -9.03 0.84 -17.18
C GLN A 254 -8.76 1.78 -16.03
N ASN A 255 -9.79 2.01 -15.22
CA ASN A 255 -9.72 2.79 -14.01
C ASN A 255 -9.09 1.93 -12.87
N LEU A 256 -8.02 2.42 -12.23
CA LEU A 256 -7.31 1.70 -11.17
C LEU A 256 -7.72 2.28 -9.82
N GLU A 257 -8.61 1.56 -9.11
CA GLU A 257 -9.15 2.02 -7.83
C GLU A 257 -8.37 1.50 -6.64
N SER A 258 -8.50 2.23 -5.51
CA SER A 258 -7.93 1.92 -4.19
C SER A 258 -8.29 0.50 -3.76
N GLY A 259 -7.31 -0.22 -3.26
CA GLY A 259 -7.53 -1.55 -2.70
C GLY A 259 -7.74 -2.69 -3.67
N HIS A 260 -7.51 -2.46 -4.96
CA HIS A 260 -7.71 -3.52 -5.96
C HIS A 260 -6.44 -3.76 -6.75
N ALA A 261 -6.29 -4.98 -7.24
CA ALA A 261 -5.18 -5.39 -8.09
C ALA A 261 -5.73 -5.69 -9.48
N TYR A 262 -5.01 -5.22 -10.49
CA TYR A 262 -5.42 -5.33 -11.89
C TYR A 262 -4.42 -6.14 -12.66
N PRO A 263 -4.68 -7.45 -12.81
CA PRO A 263 -3.73 -8.31 -13.52
C PRO A 263 -3.89 -8.23 -15.04
N TYR A 264 -2.76 -8.35 -15.73
CA TYR A 264 -2.65 -8.37 -17.18
C TYR A 264 -1.89 -9.58 -17.59
N ASN A 265 -2.42 -10.33 -18.57
CA ASN A 265 -1.71 -11.50 -19.10
C ASN A 265 -0.85 -11.04 -20.23
N VAL A 266 0.47 -11.04 -20.02
CA VAL A 266 1.43 -10.65 -21.05
C VAL A 266 2.04 -11.94 -21.61
N THR A 267 1.71 -12.27 -22.86
CA THR A 267 2.13 -13.53 -23.47
C THR A 267 3.03 -13.34 -24.68
N PHE A 268 4.17 -14.03 -24.68
CA PHE A 268 5.12 -14.10 -25.82
C PHE A 268 4.67 -15.34 -26.58
N GLU A 269 3.93 -15.13 -27.67
CA GLU A 269 3.28 -16.17 -28.45
CA GLU A 269 3.30 -16.20 -28.43
C GLU A 269 4.09 -16.58 -29.69
N ASN A 270 5.34 -16.07 -29.83
CA ASN A 270 6.26 -16.39 -30.94
C ASN A 270 5.70 -16.03 -32.34
N PRO A 271 5.97 -14.81 -32.87
CA PRO A 271 6.81 -13.73 -32.33
C PRO A 271 6.11 -12.65 -31.50
N ALA A 272 4.78 -12.54 -31.56
CA ALA A 272 4.07 -11.43 -30.93
C ALA A 272 4.04 -11.47 -29.42
N MSE A 273 4.05 -10.29 -28.83
CA MSE A 273 3.78 -10.09 -27.42
C MSE A 273 2.35 -9.56 -27.35
O MSE A 273 2.06 -8.54 -27.97
CB MSE A 273 4.78 -9.14 -26.74
CG MSE A 273 4.47 -8.97 -25.24
SE MSE A 273 5.50 -7.58 -24.33
CE MSE A 273 4.74 -5.95 -25.18
N THR A 274 1.44 -10.28 -26.69
CA THR A 274 0.05 -9.84 -26.58
C THR A 274 -0.24 -9.49 -25.13
N ILE A 275 -1.22 -8.60 -24.92
CA ILE A 275 -1.66 -8.16 -23.59
C ILE A 275 -3.17 -8.25 -23.50
N THR A 276 -3.68 -8.98 -22.50
CA THR A 276 -5.11 -9.06 -22.23
C THR A 276 -5.34 -8.74 -20.75
N MLY A 277 -6.46 -8.08 -20.47
CA MLY A 277 -6.83 -7.74 -19.11
CB MLY A 277 -7.96 -6.71 -19.33
CG MLY A 277 -7.67 -5.32 -18.91
CD MLY A 277 -9.01 -4.63 -18.69
CE MLY A 277 -10.13 -4.87 -19.69
NZ MLY A 277 -11.23 -3.89 -19.44
CH1 MLY A 277 -10.84 -2.63 -20.12
CH2 MLY A 277 -12.42 -4.33 -20.16
C MLY A 277 -7.47 -8.90 -18.41
O MLY A 277 -8.39 -9.50 -18.97
N ALA A 278 -7.03 -9.22 -17.19
CA ALA A 278 -7.65 -10.28 -16.43
C ALA A 278 -8.72 -9.66 -15.52
N GLU A 279 -9.48 -10.52 -14.87
CA GLU A 279 -10.54 -10.11 -13.96
C GLU A 279 -9.94 -9.30 -12.80
N ILE A 280 -10.59 -8.19 -12.42
CA ILE A 280 -10.17 -7.34 -11.30
C ILE A 280 -10.16 -8.20 -10.02
N GLU A 281 -9.15 -8.00 -9.19
CA GLU A 281 -8.98 -8.75 -7.95
C GLU A 281 -9.00 -7.84 -6.74
N ASP A 282 -9.09 -8.46 -5.54
CA ASP A 282 -8.90 -7.73 -4.29
C ASP A 282 -7.38 -7.63 -4.09
N TRP A 283 -6.91 -7.20 -2.93
CA TRP A 283 -5.50 -7.02 -2.73
C TRP A 283 -4.70 -8.32 -2.63
N ILE A 284 -4.07 -8.64 -3.76
CA ILE A 284 -3.20 -9.79 -3.99
C ILE A 284 -1.80 -9.45 -3.45
N VAL A 285 -1.21 -10.40 -2.71
CA VAL A 285 0.13 -10.29 -2.16
C VAL A 285 0.96 -11.50 -2.63
N GLU A 286 2.28 -11.32 -2.76
CA GLU A 286 3.21 -12.38 -3.14
C GLU A 286 3.45 -13.30 -1.94
N ASP A 287 3.32 -14.63 -2.14
CA ASP A 287 3.50 -15.63 -1.08
C ASP A 287 4.98 -15.96 -0.92
S SO4 B . 5.20 14.96 -19.50
O1 SO4 B . 4.56 13.98 -20.35
O2 SO4 B . 5.87 14.27 -18.40
O3 SO4 B . 6.20 15.68 -20.31
O4 SO4 B . 4.19 15.89 -18.99
S SO4 C . 1.02 2.44 33.33
O1 SO4 C . 0.07 1.40 32.94
O2 SO4 C . 1.77 1.99 34.50
O3 SO4 C . 1.93 2.67 32.21
O4 SO4 C . 0.30 3.68 33.68
S SO4 D . 5.17 0.45 26.94
O1 SO4 D . 5.00 0.32 25.51
O2 SO4 D . 3.85 0.44 27.59
O3 SO4 D . 5.95 -0.68 27.45
O4 SO4 D . 5.87 1.71 27.27
S SO4 E . -3.24 18.18 -7.95
O1 SO4 E . -4.01 17.06 -8.47
O2 SO4 E . -2.05 17.70 -7.22
O3 SO4 E . -2.80 19.04 -9.05
O4 SO4 E . -4.06 18.96 -7.04
CL CL F . -8.34 -7.34 -22.95
CL CL G . -12.83 0.85 -16.34
CL CL H . 1.93 -23.80 -26.20
CL CL I . 13.47 -7.47 -5.67
#